data_2AIO
#
_entry.id   2AIO
#
_cell.length_a   105.024
_cell.length_b   105.024
_cell.length_c   98.230
_cell.angle_alpha   90.00
_cell.angle_beta   90.00
_cell.angle_gamma   120.00
#
_symmetry.space_group_name_H-M   'P 64 2 2'
#
loop_
_entity.id
_entity.type
_entity.pdbx_description
1 polymer 'Metallo-beta-lactamase L1'
2 non-polymer 'ZINC ION'
3 non-polymer 'SULFATE ION'
4 non-polymer '(2R)-2-((R)-CARBOXY{[CARBOXY(4-HYDROXYPHENYL)ACETYL]AMINO}METHOXYMETHYL)-5-METHYLENE-5,6-DIHYDRO-2H-1,3-OXAZINE-4-CARBO XYLIC ACID'
5 water water
#
_entity_poly.entity_id   1
_entity_poly.type   'polypeptide(L)'
_entity_poly.pdbx_seq_one_letter_code
;AEVPLPQLRAYTVDASWLQPMAPLQIADHTWQIGTEDLTALLVQTPDGAVLLDGGMPQMASHLLDNMKARGVTPRDLRLI
LLSHAHADHAGPVAELKRRTGAKVAANAESAVLLARGGSDDLHFGDGITYPPANADRIVMDGEVITVGGIVFTAHFMAGH
TPGSTAWTWTDTRNGKPVRIAYADSLSAPGYQLQGNPRYPHLIEDYRRSFATVRALPCDVLLTPHPGASNWDYAAGARAG
AKALTCKAYADAAEQKFDGQLAKETAGAR
;
_entity_poly.pdbx_strand_id   A
#
# COMPACT_ATOMS: atom_id res chain seq x y z
N GLU A 2 -28.25 5.81 -33.96
CA GLU A 2 -27.00 4.98 -33.93
C GLU A 2 -26.47 4.86 -32.51
N VAL A 3 -25.64 3.85 -32.28
CA VAL A 3 -25.08 3.61 -30.95
C VAL A 3 -23.57 3.73 -31.00
N PRO A 4 -23.00 4.81 -30.42
CA PRO A 4 -21.55 4.89 -30.45
C PRO A 4 -20.95 3.98 -29.38
N LEU A 5 -19.66 3.69 -29.49
CA LEU A 5 -18.97 3.00 -28.43
C LEU A 5 -19.08 3.83 -27.14
N PRO A 6 -19.01 3.19 -25.95
CA PRO A 6 -19.13 3.95 -24.70
C PRO A 6 -17.97 4.91 -24.53
N GLN A 7 -18.21 6.01 -23.82
CA GLN A 7 -17.14 6.89 -23.40
C GLN A 7 -16.25 6.14 -22.42
N LEU A 8 -14.99 6.51 -22.35
CA LEU A 8 -14.11 6.07 -21.27
C LEU A 8 -14.72 6.41 -19.91
N ARG A 9 -14.51 5.52 -18.94
CA ARG A 9 -15.02 5.73 -17.60
C ARG A 9 -13.86 5.98 -16.64
N ALA A 10 -13.99 7.02 -15.84
CA ALA A 10 -12.97 7.35 -14.86
C ALA A 10 -13.04 6.41 -13.67
N TYR A 11 -11.88 6.17 -13.06
CA TYR A 11 -11.81 5.42 -11.81
C TYR A 11 -12.24 6.33 -10.67
N THR A 12 -13.48 6.13 -10.23
CA THR A 12 -14.05 6.94 -9.15
C THR A 12 -14.07 6.12 -7.86
N VAL A 13 -13.99 6.83 -6.75
CA VAL A 13 -13.80 6.21 -5.44
C VAL A 13 -14.66 6.95 -4.40
N ASP A 14 -14.95 6.29 -3.29
CA ASP A 14 -15.66 6.96 -2.19
C ASP A 14 -14.96 8.25 -1.83
N ALA A 15 -15.75 9.29 -1.56
CA ALA A 15 -15.22 10.60 -1.19
C ALA A 15 -14.20 10.56 -0.05
N SER A 16 -14.42 9.69 0.94
CA SER A 16 -13.51 9.62 2.08
C SER A 16 -12.07 9.25 1.67
N TRP A 17 -11.93 8.49 0.58
CA TRP A 17 -10.61 8.10 0.08
C TRP A 17 -9.85 9.33 -0.45
N LEU A 18 -10.62 10.38 -0.77
CA LEU A 18 -10.05 11.61 -1.34
C LEU A 18 -10.09 12.78 -0.35
N GLN A 19 -10.46 12.50 0.90
CA GLN A 19 -10.59 13.57 1.91
C GLN A 19 -9.27 13.90 2.59
N PRO A 20 -8.67 15.07 2.26
CA PRO A 20 -7.39 15.40 2.86
C PRO A 20 -7.43 15.40 4.39
N MET A 21 -6.35 14.98 5.03
CA MET A 21 -6.16 15.12 6.47
C MET A 21 -4.75 15.66 6.76
N ALA A 22 -4.60 16.37 7.88
CA ALA A 22 -3.29 16.75 8.38
C ALA A 22 -2.48 15.53 8.81
N PRO A 23 -1.13 15.64 8.88
CA PRO A 23 -0.28 14.55 9.35
C PRO A 23 -0.72 14.02 10.72
N LEU A 24 -0.82 12.69 10.82
CA LEU A 24 -1.16 11.97 12.04
C LEU A 24 0.01 11.08 12.45
N GLN A 25 0.60 11.35 13.61
CA GLN A 25 1.78 10.61 14.04
C GLN A 25 1.45 9.20 14.53
N ILE A 26 2.22 8.23 14.04
CA ILE A 26 2.10 6.82 14.41
C ILE A 26 3.17 6.42 15.42
N ALA A 27 4.40 6.90 15.19
CA ALA A 27 5.52 6.65 16.09
C ALA A 27 6.50 7.81 15.95
N ASP A 28 7.66 7.76 16.62
CA ASP A 28 8.55 8.93 16.65
C ASP A 28 8.89 9.50 15.26
N HIS A 29 9.12 8.61 14.28
CA HIS A 29 9.54 8.99 12.92
C HIS A 29 8.47 8.78 11.83
N THR A 30 7.31 8.23 12.20
CA THR A 30 6.34 7.74 11.21
C THR A 30 4.99 8.43 11.27
N TRP A 31 4.55 8.96 10.13
CA TRP A 31 3.32 9.76 10.06
C TRP A 31 2.40 9.28 8.94
N GLN A 32 1.10 9.25 9.22
CA GLN A 32 0.12 9.13 8.16
C GLN A 32 -0.09 10.53 7.59
N ILE A 33 0.17 10.67 6.28
CA ILE A 33 0.03 11.96 5.57
C ILE A 33 -0.92 11.90 4.36
N GLY A 34 -1.65 10.80 4.21
CA GLY A 34 -2.58 10.69 3.11
C GLY A 34 -3.95 11.33 3.35
N THR A 35 -4.99 10.56 3.02
CA THR A 35 -6.35 11.03 3.17
C THR A 35 -6.99 10.26 4.31
N GLU A 36 -8.27 10.55 4.59
CA GLU A 36 -8.94 9.88 5.70
C GLU A 36 -8.97 8.35 5.49
N ASP A 37 -9.22 7.93 4.24
CA ASP A 37 -9.37 6.51 3.92
C ASP A 37 -8.29 5.90 3.00
N LEU A 38 -7.21 6.63 2.73
CA LEU A 38 -6.03 6.02 2.06
C LEU A 38 -4.73 6.35 2.78
N THR A 39 -3.97 5.31 3.07
CA THR A 39 -2.72 5.42 3.79
C THR A 39 -1.63 5.91 2.86
N ALA A 40 -0.84 6.86 3.38
CA ALA A 40 0.44 7.25 2.75
C ALA A 40 1.35 7.57 3.92
N LEU A 41 2.33 6.71 4.15
CA LEU A 41 3.17 6.83 5.34
C LEU A 41 4.47 7.55 5.05
N LEU A 42 4.71 8.63 5.77
CA LEU A 42 5.98 9.33 5.73
C LEU A 42 6.86 8.88 6.89
N VAL A 43 8.07 8.42 6.57
CA VAL A 43 9.02 8.05 7.61
C VAL A 43 10.18 9.02 7.51
N GLN A 44 10.43 9.75 8.60
CA GLN A 44 11.45 10.82 8.60
C GLN A 44 12.71 10.42 9.33
N THR A 45 13.83 10.63 8.66
CA THR A 45 15.12 10.11 9.04
C THR A 45 16.10 11.30 9.10
N PRO A 46 17.20 11.17 9.89
CA PRO A 46 18.25 12.20 9.85
C PRO A 46 18.97 12.20 8.49
N ASP A 47 18.65 11.22 7.65
CA ASP A 47 19.24 11.05 6.32
C ASP A 47 18.18 11.05 5.23
N GLY A 48 17.15 11.86 5.37
CA GLY A 48 16.12 12.00 4.35
C GLY A 48 14.87 11.21 4.68
N ALA A 49 13.83 11.37 3.88
CA ALA A 49 12.53 10.76 4.17
C ALA A 49 12.18 9.62 3.22
N VAL A 50 11.29 8.76 3.69
CA VAL A 50 10.74 7.66 2.88
C VAL A 50 9.22 7.81 2.84
N LEU A 51 8.62 7.57 1.68
CA LEU A 51 7.16 7.54 1.56
C LEU A 51 6.76 6.12 1.21
N LEU A 52 5.81 5.56 1.97
CA LEU A 52 5.22 4.25 1.64
C LEU A 52 3.79 4.49 1.20
N ASP A 53 3.58 4.32 -0.11
CA ASP A 53 2.33 4.61 -0.81
C ASP A 53 2.03 6.09 -0.97
N GLY A 54 1.27 6.42 -2.02
CA GLY A 54 0.82 7.78 -2.23
C GLY A 54 -0.68 7.94 -2.36
N GLY A 55 -1.41 6.82 -2.40
CA GLY A 55 -2.84 6.87 -2.62
C GLY A 55 -3.21 7.09 -4.07
N MET A 56 -4.20 7.95 -4.29
CA MET A 56 -4.77 8.20 -5.63
C MET A 56 -3.92 9.20 -6.45
N PRO A 57 -4.05 9.16 -7.79
CA PRO A 57 -3.24 10.11 -8.61
C PRO A 57 -3.38 11.58 -8.19
N GLN A 58 -4.58 11.98 -7.79
CA GLN A 58 -4.84 13.39 -7.51
C GLN A 58 -4.33 13.85 -6.14
N MET A 59 -3.71 12.95 -5.38
CA MET A 59 -3.19 13.28 -4.04
C MET A 59 -1.76 13.86 -4.02
N ALA A 60 -1.13 13.99 -5.18
CA ALA A 60 0.29 14.34 -5.20
C ALA A 60 0.57 15.64 -4.44
N SER A 61 -0.15 16.70 -4.80
CA SER A 61 0.04 18.02 -4.18
C SER A 61 -0.26 18.01 -2.69
N HIS A 62 -1.35 17.35 -2.28
CA HIS A 62 -1.64 17.19 -0.87
C HIS A 62 -0.48 16.54 -0.10
N LEU A 63 0.09 15.46 -0.66
CA LEU A 63 1.20 14.79 -0.03
C LEU A 63 2.38 15.73 0.14
N LEU A 64 2.65 16.48 -0.92
CA LEU A 64 3.73 17.49 -0.91
C LEU A 64 3.51 18.56 0.18
N ASP A 65 2.27 19.03 0.30
CA ASP A 65 1.86 19.94 1.39
C ASP A 65 2.12 19.37 2.77
N ASN A 66 1.69 18.13 3.01
CA ASN A 66 1.95 17.49 4.29
C ASN A 66 3.43 17.25 4.59
N MET A 67 4.19 16.90 3.55
CA MET A 67 5.62 16.74 3.73
C MET A 67 6.23 18.06 4.20
N LYS A 68 5.80 19.15 3.57
CA LYS A 68 6.30 20.50 3.92
C LYS A 68 6.00 20.85 5.38
N ALA A 69 4.77 20.59 5.82
CA ALA A 69 4.35 20.73 7.23
C ALA A 69 5.20 19.90 8.22
N ARG A 70 5.75 18.79 7.73
CA ARG A 70 6.58 17.91 8.54
C ARG A 70 8.06 18.28 8.54
N GLY A 71 8.43 19.25 7.71
CA GLY A 71 9.82 19.67 7.56
C GLY A 71 10.54 19.06 6.36
N VAL A 72 9.77 18.42 5.48
CA VAL A 72 10.33 17.68 4.34
C VAL A 72 10.08 18.39 3.03
N THR A 73 11.16 18.86 2.41
CA THR A 73 11.11 19.49 1.11
C THR A 73 11.20 18.39 0.04
N PRO A 74 10.83 18.73 -1.21
CA PRO A 74 10.95 17.78 -2.32
C PRO A 74 12.33 17.11 -2.44
N ARG A 75 13.39 17.88 -2.23
CA ARG A 75 14.74 17.34 -2.25
C ARG A 75 14.97 16.28 -1.16
N ASP A 76 14.29 16.44 -0.01
CA ASP A 76 14.49 15.56 1.15
C ASP A 76 13.87 14.17 0.97
N LEU A 77 12.85 14.05 0.11
CA LEU A 77 12.20 12.76 -0.16
C LEU A 77 13.12 11.88 -1.01
N ARG A 78 13.61 10.81 -0.41
CA ARG A 78 14.65 9.94 -1.00
C ARG A 78 14.11 8.67 -1.65
N LEU A 79 13.06 8.12 -1.03
CA LEU A 79 12.62 6.78 -1.40
C LEU A 79 11.10 6.69 -1.37
N ILE A 80 10.53 6.05 -2.39
CA ILE A 80 9.11 5.64 -2.38
C ILE A 80 9.07 4.12 -2.38
N LEU A 81 8.32 3.57 -1.44
CA LEU A 81 8.04 2.13 -1.37
C LEU A 81 6.55 1.96 -1.58
N LEU A 82 6.15 0.77 -2.05
CA LEU A 82 4.74 0.51 -2.37
C LEU A 82 4.21 -0.78 -1.75
N SER A 83 2.95 -0.75 -1.31
CA SER A 83 2.25 -1.98 -0.94
C SER A 83 1.97 -2.79 -2.23
N HIS A 84 1.18 -2.19 -3.12
CA HIS A 84 0.96 -2.74 -4.47
C HIS A 84 0.65 -1.64 -5.46
N ALA A 85 0.87 -1.91 -6.75
CA ALA A 85 0.86 -0.86 -7.78
C ALA A 85 -0.51 -0.72 -8.45
N HIS A 86 -1.55 -0.62 -7.63
CA HIS A 86 -2.86 -0.18 -8.10
C HIS A 86 -3.02 1.34 -7.99
N ALA A 87 -3.93 1.89 -8.79
CA ALA A 87 -4.15 3.35 -8.91
C ALA A 87 -4.43 4.04 -7.60
N ASP A 88 -5.08 3.33 -6.67
CA ASP A 88 -5.44 3.91 -5.39
C ASP A 88 -4.34 3.85 -4.35
N HIS A 89 -3.16 3.36 -4.73
CA HIS A 89 -2.03 3.31 -3.81
C HIS A 89 -0.75 3.88 -4.42
N ALA A 90 -0.55 3.64 -5.72
CA ALA A 90 0.63 4.11 -6.45
C ALA A 90 0.27 5.23 -7.42
N GLY A 91 -0.99 5.68 -7.36
CA GLY A 91 -1.51 6.67 -8.27
C GLY A 91 -0.61 7.89 -8.57
N PRO A 92 -0.09 8.56 -7.52
CA PRO A 92 0.69 9.77 -7.79
C PRO A 92 2.20 9.57 -7.95
N VAL A 93 2.65 8.32 -8.05
CA VAL A 93 4.09 8.03 -8.04
C VAL A 93 4.86 8.73 -9.17
N ALA A 94 4.34 8.66 -10.39
CA ALA A 94 5.00 9.34 -11.54
C ALA A 94 5.22 10.83 -11.26
N GLU A 95 4.16 11.48 -10.78
CA GLU A 95 4.20 12.91 -10.47
C GLU A 95 5.14 13.21 -9.33
N LEU A 96 5.08 12.39 -8.27
CA LEU A 96 6.03 12.56 -7.16
C LEU A 96 7.48 12.43 -7.62
N LYS A 97 7.75 11.50 -8.53
CA LYS A 97 9.12 11.36 -9.04
C LYS A 97 9.56 12.63 -9.77
N ARG A 98 8.65 13.23 -10.54
CA ARG A 98 8.94 14.45 -11.30
C ARG A 98 9.19 15.66 -10.41
N ARG A 99 8.52 15.69 -9.28
CA ARG A 99 8.46 16.88 -8.41
C ARG A 99 9.36 16.79 -7.17
N THR A 100 9.99 15.64 -6.95
CA THR A 100 10.85 15.44 -5.79
C THR A 100 12.11 14.71 -6.20
N GLY A 101 12.98 14.47 -5.23
CA GLY A 101 14.18 13.67 -5.44
C GLY A 101 13.94 12.18 -5.31
N ALA A 102 12.68 11.77 -5.16
CA ALA A 102 12.37 10.40 -4.77
C ALA A 102 12.66 9.38 -5.88
N LYS A 103 13.25 8.26 -5.47
CA LYS A 103 13.41 7.11 -6.34
C LYS A 103 12.52 6.00 -5.80
N VAL A 104 12.11 5.10 -6.68
CA VAL A 104 11.21 4.01 -6.34
C VAL A 104 11.94 2.67 -6.22
N ALA A 105 11.68 1.96 -5.13
CA ALA A 105 12.15 0.58 -4.98
C ALA A 105 10.96 -0.34 -4.88
N ALA A 106 10.93 -1.37 -5.71
CA ALA A 106 9.81 -2.30 -5.76
C ALA A 106 10.24 -3.68 -6.27
N ASN A 107 9.44 -4.71 -6.00
CA ASN A 107 9.76 -6.02 -6.58
C ASN A 107 9.46 -6.01 -8.06
N ALA A 108 9.90 -7.06 -8.75
CA ALA A 108 9.74 -7.14 -10.21
C ALA A 108 8.29 -7.03 -10.64
N GLU A 109 7.40 -7.72 -9.92
CA GLU A 109 5.98 -7.71 -10.28
C GLU A 109 5.41 -6.30 -10.17
N SER A 110 5.64 -5.66 -9.03
CA SER A 110 5.16 -4.29 -8.82
C SER A 110 5.75 -3.33 -9.84
N ALA A 111 7.04 -3.48 -10.14
CA ALA A 111 7.72 -2.62 -11.14
C ALA A 111 7.08 -2.75 -12.52
N VAL A 112 6.83 -3.98 -12.95
CA VAL A 112 6.23 -4.22 -14.24
C VAL A 112 4.80 -3.63 -14.34
N LEU A 113 4.02 -3.78 -13.27
CA LEU A 113 2.66 -3.25 -13.25
C LEU A 113 2.68 -1.71 -13.20
N LEU A 114 3.58 -1.15 -12.38
CA LEU A 114 3.76 0.30 -12.29
C LEU A 114 4.19 0.90 -13.66
N ALA A 115 5.13 0.22 -14.33
CA ALA A 115 5.65 0.67 -15.63
C ALA A 115 4.60 0.70 -16.73
N ARG A 116 3.55 -0.10 -16.61
CA ARG A 116 2.45 -0.05 -17.56
C ARG A 116 1.25 0.74 -17.00
N GLY A 117 1.49 1.47 -15.92
CA GLY A 117 0.47 2.33 -15.33
C GLY A 117 -0.78 1.56 -14.90
N GLY A 118 -0.59 0.32 -14.44
CA GLY A 118 -1.71 -0.50 -13.98
C GLY A 118 -2.66 -0.97 -15.07
N SER A 119 -2.31 -0.74 -16.33
CA SER A 119 -3.12 -1.21 -17.46
C SER A 119 -2.94 -2.73 -17.57
N ASP A 120 -3.82 -3.40 -18.32
CA ASP A 120 -3.78 -4.88 -18.45
C ASP A 120 -3.65 -5.56 -17.07
N ASP A 121 -4.47 -5.12 -16.13
CA ASP A 121 -4.50 -5.70 -14.79
C ASP A 121 -5.06 -7.12 -14.90
N LEU A 122 -4.56 -8.03 -14.05
CA LEU A 122 -5.01 -9.44 -14.14
C LEU A 122 -6.52 -9.59 -14.00
N HIS A 123 -7.14 -8.70 -13.23
CA HIS A 123 -8.57 -8.82 -12.87
C HIS A 123 -9.41 -7.64 -13.35
N PHE A 124 -8.80 -6.46 -13.39
CA PHE A 124 -9.53 -5.23 -13.63
C PHE A 124 -9.36 -4.65 -15.04
N GLY A 125 -8.74 -5.41 -15.94
CA GLY A 125 -8.52 -4.95 -17.31
C GLY A 125 -7.78 -3.61 -17.37
N ASP A 126 -8.33 -2.69 -18.17
CA ASP A 126 -7.76 -1.34 -18.29
C ASP A 126 -8.51 -0.28 -17.50
N GLY A 127 -9.40 -0.70 -16.61
CA GLY A 127 -10.28 0.22 -15.89
C GLY A 127 -9.61 1.11 -14.87
N ILE A 128 -8.42 0.71 -14.40
CA ILE A 128 -7.71 1.44 -13.36
C ILE A 128 -6.31 1.90 -13.80
N THR A 129 -6.20 2.28 -15.07
CA THR A 129 -4.96 2.85 -15.60
C THR A 129 -4.65 4.19 -14.93
N TYR A 130 -3.37 4.43 -14.68
CA TYR A 130 -2.90 5.67 -14.07
C TYR A 130 -1.53 6.02 -14.70
N PRO A 131 -0.97 7.21 -14.42
CA PRO A 131 0.33 7.52 -15.05
C PRO A 131 1.46 6.53 -14.71
N PRO A 132 2.11 5.94 -15.74
CA PRO A 132 3.14 4.93 -15.43
C PRO A 132 4.39 5.56 -14.85
N ALA A 133 5.17 4.76 -14.13
CA ALA A 133 6.45 5.20 -13.59
C ALA A 133 7.41 4.03 -13.63
N ASN A 134 8.69 4.35 -13.66
CA ASN A 134 9.76 3.35 -13.63
C ASN A 134 10.30 3.16 -12.22
N ALA A 135 10.52 1.91 -11.83
CA ALA A 135 11.26 1.59 -10.59
C ALA A 135 12.76 1.83 -10.79
N ASP A 136 13.39 2.38 -9.77
CA ASP A 136 14.84 2.65 -9.79
C ASP A 136 15.66 1.50 -9.19
N ARG A 137 15.00 0.66 -8.42
CA ARG A 137 15.65 -0.44 -7.75
C ARG A 137 14.66 -1.60 -7.62
N ILE A 138 15.11 -2.80 -7.98
CA ILE A 138 14.27 -4.00 -7.83
C ILE A 138 14.64 -4.73 -6.55
N VAL A 139 13.65 -5.00 -5.71
CA VAL A 139 13.92 -5.70 -4.46
C VAL A 139 13.47 -7.15 -4.48
N MET A 140 14.21 -7.99 -3.76
CA MET A 140 13.90 -9.40 -3.62
C MET A 140 13.21 -9.64 -2.29
N ASP A 141 12.55 -10.80 -2.16
CA ASP A 141 11.83 -11.12 -0.92
C ASP A 141 12.81 -11.16 0.25
N GLY A 142 12.48 -10.42 1.31
CA GLY A 142 13.34 -10.37 2.49
C GLY A 142 14.49 -9.38 2.42
N GLU A 143 14.63 -8.67 1.31
CA GLU A 143 15.67 -7.67 1.14
C GLU A 143 15.40 -6.44 2.00
N VAL A 144 16.49 -5.86 2.50
CA VAL A 144 16.39 -4.67 3.35
C VAL A 144 16.84 -3.42 2.61
N ILE A 145 16.20 -2.32 2.94
CA ILE A 145 16.66 -1.02 2.50
C ILE A 145 16.77 -0.18 3.76
N THR A 146 17.99 0.20 4.12
CA THR A 146 18.20 1.02 5.29
C THR A 146 18.30 2.48 4.86
N VAL A 147 17.46 3.34 5.45
CA VAL A 147 17.53 4.79 5.23
C VAL A 147 17.68 5.47 6.61
N GLY A 148 18.81 6.18 6.79
CA GLY A 148 19.16 6.82 8.06
C GLY A 148 18.87 5.99 9.28
N GLY A 149 19.29 4.71 9.23
CA GLY A 149 19.11 3.77 10.32
C GLY A 149 17.73 3.19 10.53
N ILE A 150 16.77 3.64 9.75
CA ILE A 150 15.50 2.97 9.70
C ILE A 150 15.66 1.90 8.62
N VAL A 151 15.51 0.65 9.06
CA VAL A 151 15.69 -0.51 8.20
C VAL A 151 14.32 -1.03 7.80
N PHE A 152 14.07 -1.01 6.50
CA PHE A 152 12.81 -1.52 5.93
C PHE A 152 13.05 -2.87 5.31
N THR A 153 12.24 -3.85 5.69
CA THR A 153 12.32 -5.21 5.17
C THR A 153 11.10 -5.55 4.34
N ALA A 154 11.34 -6.06 3.14
CA ALA A 154 10.28 -6.52 2.24
C ALA A 154 9.83 -7.93 2.54
N HIS A 155 8.51 -8.13 2.62
CA HIS A 155 7.94 -9.47 2.78
C HIS A 155 6.90 -9.64 1.68
N PHE A 156 7.21 -10.47 0.68
CA PHE A 156 6.28 -10.69 -0.42
C PHE A 156 5.04 -11.38 0.10
N MET A 157 3.88 -10.90 -0.35
CA MET A 157 2.60 -11.48 0.02
C MET A 157 1.66 -11.42 -1.18
N ALA A 158 2.08 -12.13 -2.25
CA ALA A 158 1.33 -12.20 -3.50
C ALA A 158 -0.12 -12.59 -3.29
N GLY A 159 -1.00 -11.95 -4.03
CA GLY A 159 -2.38 -12.38 -4.08
C GLY A 159 -3.22 -11.25 -4.65
N HIS A 160 -3.46 -10.24 -3.83
CA HIS A 160 -4.21 -9.07 -4.28
C HIS A 160 -3.64 -8.51 -5.60
N THR A 161 -2.31 -8.40 -5.64
CA THR A 161 -1.58 -8.34 -6.91
C THR A 161 -0.44 -9.34 -6.78
N PRO A 162 0.12 -9.79 -7.92
CA PRO A 162 1.30 -10.67 -7.89
C PRO A 162 2.45 -10.07 -7.05
N GLY A 163 2.59 -8.74 -7.11
CA GLY A 163 3.71 -8.02 -6.48
C GLY A 163 3.41 -7.46 -5.09
N SER A 164 2.27 -7.83 -4.51
CA SER A 164 1.88 -7.33 -3.19
C SER A 164 2.95 -7.58 -2.14
N THR A 165 3.28 -6.53 -1.38
CA THR A 165 4.40 -6.57 -0.43
C THR A 165 3.97 -5.98 0.93
N ALA A 166 4.35 -6.64 2.01
CA ALA A 166 4.35 -6.03 3.35
C ALA A 166 5.73 -5.42 3.62
N TRP A 167 5.75 -4.20 4.18
CA TRP A 167 6.98 -3.52 4.57
C TRP A 167 6.99 -3.41 6.09
N THR A 168 8.12 -3.81 6.70
CA THR A 168 8.28 -3.73 8.16
C THR A 168 9.51 -2.92 8.56
N TRP A 169 9.38 -2.18 9.67
CA TRP A 169 10.51 -1.42 10.21
C TRP A 169 10.26 -1.17 11.67
N THR A 170 11.31 -0.81 12.39
CA THR A 170 11.22 -0.61 13.83
C THR A 170 11.47 0.86 14.08
N ASP A 171 10.43 1.52 14.62
CA ASP A 171 10.51 2.89 15.06
C ASP A 171 10.56 2.88 16.60
N THR A 172 10.35 4.04 17.22
CA THR A 172 10.34 4.13 18.67
C THR A 172 9.12 4.89 19.16
N ARG A 173 8.75 4.60 20.41
CA ARG A 173 7.84 5.41 21.21
C ARG A 173 8.22 5.18 22.66
N ASN A 174 8.45 6.27 23.40
CA ASN A 174 8.82 6.20 24.82
C ASN A 174 10.13 5.45 25.07
N GLY A 175 11.08 5.62 24.17
CA GLY A 175 12.38 4.94 24.27
C GLY A 175 12.26 3.44 24.10
N LYS A 176 11.05 2.99 23.75
CA LYS A 176 10.74 1.59 23.48
C LYS A 176 10.61 1.34 21.98
N PRO A 177 11.18 0.21 21.51
CA PRO A 177 11.02 -0.14 20.09
C PRO A 177 9.55 -0.39 19.74
N VAL A 178 9.14 0.04 18.54
CA VAL A 178 7.81 -0.28 18.00
C VAL A 178 7.98 -0.88 16.59
N ARG A 179 7.67 -2.16 16.48
CA ARG A 179 7.80 -2.89 15.22
C ARG A 179 6.54 -2.68 14.40
N ILE A 180 6.66 -1.83 13.39
CA ILE A 180 5.52 -1.43 12.54
C ILE A 180 5.44 -2.38 11.34
N ALA A 181 4.25 -2.93 11.11
CA ALA A 181 4.03 -3.77 9.93
C ALA A 181 3.03 -3.09 9.04
N TYR A 182 3.49 -2.66 7.86
CA TYR A 182 2.60 -2.09 6.85
C TYR A 182 2.27 -3.23 5.89
N ALA A 183 1.16 -3.94 6.19
CA ALA A 183 0.78 -5.15 5.44
C ALA A 183 -0.15 -4.75 4.31
N ASP A 184 0.07 -5.33 3.13
CA ASP A 184 -0.74 -5.01 1.97
C ASP A 184 -2.15 -5.57 2.11
N SER A 185 -3.00 -5.18 1.17
CA SER A 185 -4.34 -5.71 1.02
C SER A 185 -4.33 -7.23 0.84
N LEU A 186 -5.38 -7.88 1.36
CA LEU A 186 -5.55 -9.34 1.23
C LEU A 186 -6.93 -9.65 0.67
N SER A 187 -7.56 -8.62 0.11
CA SER A 187 -8.85 -8.76 -0.55
C SER A 187 -8.68 -9.33 -1.96
N ALA A 188 -9.78 -9.83 -2.51
CA ALA A 188 -9.82 -10.30 -3.88
C ALA A 188 -11.13 -9.86 -4.52
N PRO A 189 -11.37 -8.54 -4.64
CA PRO A 189 -12.71 -8.03 -4.98
C PRO A 189 -13.16 -8.36 -6.40
N GLY A 190 -14.15 -9.24 -6.50
CA GLY A 190 -14.66 -9.66 -7.81
C GLY A 190 -13.75 -10.61 -8.56
N TYR A 191 -12.62 -11.01 -7.95
CA TYR A 191 -11.64 -11.86 -8.65
C TYR A 191 -12.20 -13.25 -8.92
N GLN A 192 -11.84 -13.80 -10.08
CA GLN A 192 -12.00 -15.23 -10.29
C GLN A 192 -10.83 -15.90 -9.60
N LEU A 193 -11.14 -16.69 -8.59
CA LEU A 193 -10.11 -17.30 -7.73
C LEU A 193 -9.67 -18.65 -8.28
N GLN A 194 -10.62 -19.51 -8.61
CA GLN A 194 -10.35 -20.89 -9.03
C GLN A 194 -10.16 -20.97 -10.54
N GLY A 195 -9.09 -21.62 -10.99
CA GLY A 195 -8.81 -21.85 -12.42
C GLY A 195 -8.72 -20.59 -13.27
N ASN A 196 -8.13 -19.55 -12.69
CA ASN A 196 -7.95 -18.30 -13.39
C ASN A 196 -6.74 -18.41 -14.33
N PRO A 197 -6.96 -18.32 -15.66
CA PRO A 197 -5.83 -18.56 -16.59
C PRO A 197 -4.70 -17.54 -16.45
N ARG A 198 -5.03 -16.30 -16.08
CA ARG A 198 -4.02 -15.25 -15.87
C ARG A 198 -3.28 -15.41 -14.53
N TYR A 199 -3.81 -16.22 -13.63
CA TYR A 199 -3.20 -16.39 -12.31
C TYR A 199 -3.47 -17.79 -11.76
N PRO A 200 -2.83 -18.80 -12.38
CA PRO A 200 -3.19 -20.17 -12.05
C PRO A 200 -2.94 -20.59 -10.60
N HIS A 201 -1.92 -20.03 -9.94
CA HIS A 201 -1.64 -20.37 -8.53
C HIS A 201 -2.17 -19.34 -7.52
N LEU A 202 -3.19 -18.58 -7.93
CA LEU A 202 -3.76 -17.54 -7.07
C LEU A 202 -4.11 -18.02 -5.66
N ILE A 203 -4.83 -19.15 -5.55
CA ILE A 203 -5.27 -19.61 -4.24
C ILE A 203 -4.08 -19.98 -3.35
N GLU A 204 -3.12 -20.72 -3.92
CA GLU A 204 -1.91 -21.10 -3.19
C GLU A 204 -1.17 -19.85 -2.69
N ASP A 205 -1.12 -18.82 -3.54
CA ASP A 205 -0.43 -17.58 -3.19
C ASP A 205 -1.13 -16.85 -2.05
N TYR A 206 -2.45 -16.72 -2.13
CA TYR A 206 -3.20 -16.13 -1.02
C TYR A 206 -2.98 -16.89 0.30
N ARG A 207 -3.09 -18.22 0.28
CA ARG A 207 -2.84 -19.05 1.48
C ARG A 207 -1.46 -18.80 2.08
N ARG A 208 -0.44 -18.75 1.24
CA ARG A 208 0.91 -18.48 1.72
C ARG A 208 0.97 -17.08 2.34
N SER A 209 0.28 -16.14 1.69
CA SER A 209 0.28 -14.75 2.16
C SER A 209 -0.41 -14.54 3.49
N PHE A 210 -1.50 -15.28 3.76
CA PHE A 210 -2.12 -15.20 5.10
C PHE A 210 -1.10 -15.63 6.18
N ALA A 211 -0.33 -16.66 5.87
CA ALA A 211 0.68 -17.18 6.81
C ALA A 211 1.81 -16.18 7.00
N THR A 212 2.22 -15.54 5.91
CA THR A 212 3.27 -14.50 5.94
C THR A 212 2.82 -13.35 6.82
N VAL A 213 1.61 -12.88 6.59
CA VAL A 213 1.10 -11.73 7.34
C VAL A 213 1.00 -12.05 8.85
N ARG A 214 0.47 -13.25 9.15
CA ARG A 214 0.29 -13.79 10.50
C ARG A 214 1.60 -13.71 11.28
N ALA A 215 2.70 -13.99 10.59
CA ALA A 215 4.02 -14.14 11.23
C ALA A 215 4.87 -12.87 11.29
N LEU A 216 4.37 -11.74 10.76
CA LEU A 216 5.18 -10.52 10.71
C LEU A 216 5.52 -9.98 12.09
N PRO A 217 6.73 -9.36 12.23
CA PRO A 217 6.99 -8.58 13.44
C PRO A 217 6.00 -7.42 13.43
N CYS A 218 5.18 -7.31 14.49
CA CYS A 218 3.94 -6.58 14.37
C CYS A 218 3.40 -6.02 15.68
N ASP A 219 4.14 -5.12 16.32
CA ASP A 219 3.58 -4.36 17.44
C ASP A 219 2.41 -3.48 17.01
N VAL A 220 2.50 -2.91 15.81
CA VAL A 220 1.47 -2.07 15.22
C VAL A 220 1.28 -2.44 13.75
N LEU A 221 0.06 -2.83 13.40
CA LEU A 221 -0.32 -3.08 12.01
C LEU A 221 -0.96 -1.85 11.39
N LEU A 222 -0.53 -1.50 10.18
CA LEU A 222 -1.21 -0.53 9.33
C LEU A 222 -1.48 -1.18 7.96
N THR A 223 -2.51 -0.72 7.26
CA THR A 223 -2.85 -1.27 5.94
C THR A 223 -3.19 -0.14 4.95
N PRO A 224 -3.01 -0.39 3.63
CA PRO A 224 -3.33 0.62 2.61
C PRO A 224 -4.73 1.23 2.75
N HIS A 225 -5.74 0.39 2.96
CA HIS A 225 -7.06 0.89 3.37
C HIS A 225 -7.12 0.75 4.89
N PRO A 226 -7.15 1.88 5.62
CA PRO A 226 -7.04 1.81 7.08
C PRO A 226 -8.15 0.95 7.71
N GLY A 227 -9.32 0.91 7.08
CA GLY A 227 -10.45 0.13 7.58
C GLY A 227 -10.14 -1.35 7.67
N ALA A 228 -9.28 -1.84 6.78
CA ALA A 228 -8.92 -3.26 6.76
C ALA A 228 -8.23 -3.72 8.06
N SER A 229 -7.53 -2.80 8.73
CA SER A 229 -6.87 -3.11 10.00
C SER A 229 -7.54 -2.40 11.17
N ASN A 230 -8.73 -1.86 10.91
CA ASN A 230 -9.52 -1.17 11.94
C ASN A 230 -8.95 0.13 12.46
N TRP A 231 -8.14 0.78 11.65
CA TRP A 231 -7.71 2.16 11.92
C TRP A 231 -8.84 3.11 11.54
N ASP A 232 -8.96 4.19 12.30
CA ASP A 232 -9.85 5.29 11.95
C ASP A 232 -9.01 6.57 11.98
N TYR A 233 -8.53 7.00 10.82
CA TYR A 233 -7.61 8.14 10.79
C TYR A 233 -8.27 9.44 11.26
N ALA A 234 -9.60 9.50 11.18
CA ALA A 234 -10.34 10.70 11.60
C ALA A 234 -10.56 10.79 13.12
N ALA A 235 -10.11 9.77 13.85
CA ALA A 235 -10.41 9.63 15.30
C ALA A 235 -9.33 10.17 16.25
N GLY A 236 -8.40 10.96 15.71
CA GLY A 236 -7.38 11.63 16.51
C GLY A 236 -6.55 10.73 17.40
N ALA A 237 -6.60 10.99 18.71
CA ALA A 237 -5.78 10.25 19.67
C ALA A 237 -6.17 8.77 19.76
N ARG A 238 -7.38 8.45 19.27
CA ARG A 238 -7.90 7.10 19.28
C ARG A 238 -7.82 6.43 17.91
N ALA A 239 -7.10 7.05 16.98
CA ALA A 239 -7.09 6.58 15.58
C ALA A 239 -6.72 5.12 15.46
N GLY A 240 -5.71 4.70 16.22
CA GLY A 240 -5.25 3.30 16.16
C GLY A 240 -5.70 2.42 17.31
N ALA A 241 -6.57 2.94 18.18
CA ALA A 241 -6.92 2.21 19.40
C ALA A 241 -7.48 0.82 19.07
N LYS A 242 -8.33 0.76 18.05
CA LYS A 242 -9.06 -0.47 17.68
C LYS A 242 -8.33 -1.34 16.67
N ALA A 243 -7.10 -0.94 16.31
CA ALA A 243 -6.35 -1.64 15.26
C ALA A 243 -6.20 -3.14 15.57
N LEU A 244 -6.40 -3.95 14.54
CA LEU A 244 -6.15 -5.40 14.61
C LEU A 244 -4.67 -5.72 14.74
N THR A 245 -4.37 -6.89 15.31
CA THR A 245 -3.02 -7.44 15.22
C THR A 245 -2.83 -7.99 13.80
N CYS A 246 -1.59 -8.23 13.41
CA CYS A 246 -1.34 -8.93 12.13
C CYS A 246 -2.04 -10.30 12.08
N LYS A 247 -2.01 -11.04 13.20
CA LYS A 247 -2.71 -12.35 13.34
C LYS A 247 -4.21 -12.24 13.02
N ALA A 248 -4.86 -11.24 13.59
CA ALA A 248 -6.31 -11.07 13.45
C ALA A 248 -6.65 -10.60 12.01
N TYR A 249 -5.81 -9.72 11.46
CA TYR A 249 -5.99 -9.26 10.08
C TYR A 249 -5.89 -10.44 9.11
N ALA A 250 -4.86 -11.26 9.31
CA ALA A 250 -4.65 -12.43 8.48
C ALA A 250 -5.82 -13.40 8.59
N ASP A 251 -6.29 -13.64 9.81
CA ASP A 251 -7.36 -14.60 10.03
C ASP A 251 -8.69 -14.12 9.42
N ALA A 252 -8.99 -12.83 9.59
CA ALA A 252 -10.20 -12.26 9.02
C ALA A 252 -10.17 -12.35 7.49
N ALA A 253 -9.00 -12.05 6.91
CA ALA A 253 -8.83 -12.10 5.46
C ALA A 253 -9.01 -13.53 4.95
N GLU A 254 -8.48 -14.50 5.70
CA GLU A 254 -8.59 -15.90 5.27
C GLU A 254 -10.03 -16.40 5.36
N GLN A 255 -10.71 -16.07 6.46
CA GLN A 255 -12.10 -16.45 6.62
C GLN A 255 -12.96 -15.84 5.49
N LYS A 256 -12.73 -14.56 5.18
CA LYS A 256 -13.40 -13.91 4.05
C LYS A 256 -13.12 -14.63 2.72
N PHE A 257 -11.84 -14.96 2.51
CA PHE A 257 -11.40 -15.62 1.28
C PHE A 257 -12.07 -16.99 1.12
N ASP A 258 -12.09 -17.78 2.20
CA ASP A 258 -12.81 -19.08 2.22
C ASP A 258 -14.29 -18.96 1.84
N GLY A 259 -14.95 -17.92 2.36
CA GLY A 259 -16.34 -17.62 2.02
C GLY A 259 -16.48 -17.30 0.54
N GLN A 260 -15.55 -16.48 0.04
CA GLN A 260 -15.56 -16.09 -1.37
C GLN A 260 -15.39 -17.32 -2.27
N LEU A 261 -14.47 -18.21 -1.89
CA LEU A 261 -14.17 -19.42 -2.64
C LEU A 261 -15.44 -20.28 -2.73
N ALA A 262 -16.14 -20.39 -1.60
CA ALA A 262 -17.41 -21.14 -1.52
C ALA A 262 -18.49 -20.51 -2.39
N LYS A 263 -18.62 -19.18 -2.32
CA LYS A 263 -19.60 -18.46 -3.14
C LYS A 263 -19.29 -18.64 -4.64
N GLU A 264 -18.00 -18.66 -4.98
CA GLU A 264 -17.59 -18.83 -6.37
C GLU A 264 -17.98 -20.21 -6.90
N THR A 265 -17.63 -21.24 -6.14
CA THR A 265 -18.04 -22.61 -6.47
C THR A 265 -19.56 -22.70 -6.70
N ALA A 266 -20.36 -21.99 -5.88
CA ALA A 266 -21.81 -22.03 -6.04
C ALA A 266 -22.27 -21.21 -7.27
N GLY A 267 -21.60 -20.09 -7.54
CA GLY A 267 -22.00 -19.19 -8.61
C GLY A 267 -21.73 -19.74 -10.00
#